data_1QCA
#
_entry.id   1QCA
#
_cell.length_a   107.810
_cell.length_b   107.810
_cell.length_c   124.130
_cell.angle_alpha   90.00
_cell.angle_beta   90.00
_cell.angle_gamma   120.00
#
_symmetry.space_group_name_H-M   'H 3 2'
#
loop_
_entity.id
_entity.type
_entity.pdbx_description
1 polymer 'TYPE III CHLORAMPHENICOL ACETYLTRANSFERASE'
2 non-polymer 'COBALT (II) ION'
3 non-polymer 'FUSIDIC ACID'
4 water water
#
_entity_poly.entity_id   1
_entity_poly.type   'polypeptide(L)'
_entity_poly.pdbx_seq_one_letter_code
;MNYTKFDVKNWVRREHFEFYRHRLPCGFSLTSKIDITTLKKSLDDSAYKFYPVMIYLIAQAVNQFDELRMAIKDDELIVW
DSVDPCFTVFHQETETFSALSCPYSSDIDQFMVNYLSVMERYKSDTKLFPQGVTPENHLFISALPWVNFDSFNLNVANFT
DFFAPVITMAKYQQEGDRLLLPLSVQVHHAVCDGFHVARFINRLQELCNSKLK
;
_entity_poly.pdbx_strand_id   A
#
# COMPACT_ATOMS: atom_id res chain seq x y z
N MET A 1 -13.70 -6.53 18.30
CA MET A 1 -12.28 -6.56 17.89
C MET A 1 -12.25 -5.47 16.78
N ASN A 2 -11.13 -5.26 16.16
CA ASN A 2 -10.85 -4.36 15.07
C ASN A 2 -11.05 -5.05 13.72
N TYR A 3 -11.88 -6.00 13.52
CA TYR A 3 -12.16 -6.70 12.27
C TYR A 3 -13.58 -7.33 12.33
N THR A 4 -14.21 -7.59 11.23
CA THR A 4 -15.53 -8.20 11.17
C THR A 4 -15.50 -9.48 10.34
N LYS A 5 -16.26 -10.52 10.70
CA LYS A 5 -16.19 -11.72 9.85
C LYS A 5 -17.03 -11.41 8.61
N PHE A 6 -16.48 -11.75 7.44
CA PHE A 6 -17.13 -11.49 6.17
C PHE A 6 -18.19 -12.54 5.83
N ASP A 7 -19.33 -12.09 5.36
CA ASP A 7 -20.44 -12.94 4.93
C ASP A 7 -20.17 -13.56 3.54
N VAL A 8 -19.37 -14.62 3.55
CA VAL A 8 -19.02 -15.27 2.27
C VAL A 8 -20.18 -15.95 1.56
N LYS A 9 -21.19 -16.40 2.26
CA LYS A 9 -22.25 -17.13 1.54
C LYS A 9 -23.14 -16.21 0.73
N ASN A 10 -23.27 -14.97 1.18
CA ASN A 10 -24.20 -14.10 0.39
C ASN A 10 -23.43 -13.10 -0.45
N TRP A 11 -22.13 -13.29 -0.57
CA TRP A 11 -21.22 -12.41 -1.31
C TRP A 11 -21.38 -12.67 -2.80
N VAL A 12 -21.39 -11.60 -3.58
CA VAL A 12 -21.53 -11.80 -5.02
C VAL A 12 -20.35 -12.54 -5.67
N ARG A 13 -19.17 -12.41 -5.17
CA ARG A 13 -17.91 -12.98 -5.57
C ARG A 13 -17.72 -14.32 -4.82
N ARG A 14 -18.68 -14.99 -4.22
CA ARG A 14 -18.27 -16.23 -3.53
C ARG A 14 -17.70 -17.26 -4.49
N GLU A 15 -18.18 -17.36 -5.70
CA GLU A 15 -17.61 -18.43 -6.58
C GLU A 15 -16.18 -18.09 -6.92
N HIS A 16 -15.97 -16.83 -7.26
CA HIS A 16 -14.65 -16.32 -7.66
C HIS A 16 -13.60 -16.57 -6.56
N PHE A 17 -14.01 -16.33 -5.34
CA PHE A 17 -13.18 -16.46 -4.15
C PHE A 17 -12.71 -17.93 -4.06
N GLU A 18 -13.64 -18.89 -4.06
CA GLU A 18 -13.19 -20.31 -3.99
C GLU A 18 -12.33 -20.68 -5.13
N PHE A 19 -12.70 -20.21 -6.33
CA PHE A 19 -12.00 -20.46 -7.62
C PHE A 19 -10.52 -20.08 -7.60
N TYR A 20 -10.30 -18.80 -7.32
CA TYR A 20 -8.92 -18.25 -7.26
C TYR A 20 -8.18 -18.48 -5.97
N ARG A 21 -8.81 -18.97 -4.93
CA ARG A 21 -8.16 -19.28 -3.68
C ARG A 21 -7.69 -20.77 -3.76
N HIS A 22 -8.48 -21.69 -4.39
CA HIS A 22 -8.10 -23.09 -4.32
C HIS A 22 -8.09 -23.80 -5.63
N ARG A 23 -9.05 -23.47 -6.48
CA ARG A 23 -9.01 -24.17 -7.78
C ARG A 23 -7.81 -23.83 -8.66
N LEU A 24 -7.63 -22.54 -8.91
CA LEU A 24 -6.60 -21.95 -9.68
C LEU A 24 -6.01 -20.77 -8.92
N PRO A 25 -5.17 -21.08 -7.94
CA PRO A 25 -4.54 -20.04 -7.08
C PRO A 25 -3.70 -19.05 -7.87
N CYS A 26 -4.01 -17.77 -7.76
CA CYS A 26 -3.19 -16.82 -8.48
C CYS A 26 -3.44 -15.41 -7.97
N GLY A 27 -2.52 -14.58 -8.34
CA GLY A 27 -2.47 -13.14 -8.06
C GLY A 27 -1.90 -12.55 -9.38
N PHE A 28 -1.84 -11.25 -9.32
CA PHE A 28 -1.35 -10.52 -10.52
C PHE A 28 -0.74 -9.23 -10.00
N SER A 29 0.06 -8.61 -10.85
CA SER A 29 0.62 -7.30 -10.57
C SER A 29 0.29 -6.48 -11.84
N LEU A 30 0.33 -5.18 -11.62
CA LEU A 30 0.10 -4.17 -12.69
C LEU A 30 0.84 -2.92 -12.29
N THR A 31 1.50 -2.25 -13.18
CA THR A 31 2.19 -1.01 -12.98
C THR A 31 1.49 0.04 -13.87
N SER A 32 1.21 1.15 -13.20
CA SER A 32 0.52 2.22 -13.94
C SER A 32 1.24 3.50 -13.55
N LYS A 33 1.15 4.57 -14.32
CA LYS A 33 1.79 5.80 -13.86
C LYS A 33 0.74 6.73 -13.29
N ILE A 34 1.02 7.24 -12.04
CA ILE A 34 0.15 8.22 -11.41
C ILE A 34 0.72 9.63 -11.77
N ASP A 35 -0.12 10.56 -12.14
CA ASP A 35 0.23 12.00 -12.43
C ASP A 35 0.31 12.75 -11.08
N ILE A 36 1.52 13.10 -10.66
CA ILE A 36 1.77 13.77 -9.41
C ILE A 36 2.13 15.22 -9.72
N THR A 37 1.74 15.76 -10.85
CA THR A 37 2.00 17.18 -11.12
C THR A 37 1.38 18.06 -10.01
N THR A 38 0.09 17.94 -9.70
CA THR A 38 -0.63 18.69 -8.67
C THR A 38 -0.05 18.45 -7.24
N LEU A 39 0.17 17.15 -6.92
CA LEU A 39 0.69 16.82 -5.59
C LEU A 39 1.98 17.56 -5.31
N LYS A 40 2.87 17.65 -6.27
CA LYS A 40 4.19 18.28 -6.18
C LYS A 40 4.02 19.75 -5.79
N LYS A 41 3.07 20.39 -6.40
CA LYS A 41 2.68 21.77 -6.15
C LYS A 41 2.25 21.88 -4.70
N SER A 42 1.25 21.10 -4.26
CA SER A 42 0.82 21.13 -2.85
C SER A 42 2.00 20.86 -1.90
N LEU A 43 2.93 19.99 -2.33
CA LEU A 43 4.06 19.65 -1.44
C LEU A 43 4.95 20.89 -1.29
N ASP A 44 5.14 21.54 -2.40
CA ASP A 44 5.94 22.79 -2.52
C ASP A 44 5.44 23.89 -1.59
N ASP A 45 4.12 23.97 -1.46
CA ASP A 45 3.47 24.94 -0.56
C ASP A 45 3.30 24.40 0.87
N SER A 46 4.12 23.44 1.27
CA SER A 46 3.91 22.88 2.62
C SER A 46 5.25 22.48 3.20
N ALA A 47 5.23 21.86 4.36
CA ALA A 47 6.46 21.43 4.99
C ALA A 47 6.49 19.89 4.92
N TYR A 48 5.47 19.27 4.35
CA TYR A 48 5.43 17.79 4.24
C TYR A 48 6.42 17.24 3.22
N LYS A 49 6.97 16.08 3.42
CA LYS A 49 7.91 15.51 2.47
C LYS A 49 7.11 14.40 1.74
N PHE A 50 7.61 14.14 0.56
CA PHE A 50 7.09 13.20 -0.40
C PHE A 50 6.80 11.78 0.09
N TYR A 51 7.70 11.07 0.66
CA TYR A 51 7.50 9.67 1.05
C TYR A 51 6.34 9.53 2.00
N PRO A 52 6.40 10.21 3.14
CA PRO A 52 5.35 10.19 4.19
C PRO A 52 3.95 10.55 3.66
N VAL A 53 3.93 11.48 2.72
CA VAL A 53 2.68 11.91 2.09
C VAL A 53 2.13 10.78 1.24
N MET A 54 2.94 10.14 0.35
CA MET A 54 2.50 9.02 -0.46
C MET A 54 2.07 7.87 0.45
N ILE A 55 2.80 7.56 1.47
CA ILE A 55 2.41 6.46 2.38
C ILE A 55 0.99 6.77 2.85
N TYR A 56 0.74 8.00 3.37
CA TYR A 56 -0.55 8.46 3.92
C TYR A 56 -1.64 8.30 2.91
N LEU A 57 -1.48 8.85 1.72
CA LEU A 57 -2.45 8.75 0.64
C LEU A 57 -2.72 7.27 0.15
N ILE A 58 -1.75 6.38 0.02
CA ILE A 58 -1.88 5.01 -0.30
C ILE A 58 -2.67 4.39 0.86
N ALA A 59 -2.30 4.54 2.12
CA ALA A 59 -3.05 4.00 3.23
C ALA A 59 -4.49 4.52 3.23
N GLN A 60 -4.70 5.80 2.93
CA GLN A 60 -6.03 6.37 2.88
C GLN A 60 -6.94 5.67 1.84
N ALA A 61 -6.42 5.52 0.63
CA ALA A 61 -7.16 4.84 -0.44
C ALA A 61 -7.47 3.38 -0.04
N VAL A 62 -6.46 2.69 0.46
CA VAL A 62 -6.69 1.31 0.90
C VAL A 62 -7.83 1.23 1.91
N ASN A 63 -7.82 2.09 2.88
CA ASN A 63 -8.75 2.17 4.00
C ASN A 63 -10.19 2.40 3.54
N GLN A 64 -10.33 2.76 2.31
CA GLN A 64 -11.62 3.00 1.70
C GLN A 64 -12.23 1.79 1.03
N PHE A 65 -11.48 0.73 0.85
CA PHE A 65 -12.08 -0.44 0.12
C PHE A 65 -11.90 -1.72 0.95
N ASP A 66 -13.02 -2.37 1.23
CA ASP A 66 -12.95 -3.62 1.97
C ASP A 66 -12.08 -4.70 1.39
N GLU A 67 -12.18 -4.88 0.09
CA GLU A 67 -11.44 -5.93 -0.69
C GLU A 67 -9.93 -5.90 -0.55
N LEU A 68 -9.38 -4.74 -0.22
CA LEU A 68 -8.00 -4.50 0.08
C LEU A 68 -7.62 -4.66 1.57
N ARG A 69 -8.53 -5.04 2.41
CA ARG A 69 -8.28 -5.24 3.82
C ARG A 69 -8.81 -6.60 4.33
N MET A 70 -8.78 -7.56 3.45
CA MET A 70 -9.29 -8.93 3.81
C MET A 70 -8.14 -9.78 4.30
N ALA A 71 -8.49 -10.76 5.07
CA ALA A 71 -7.48 -11.69 5.62
C ALA A 71 -8.23 -12.93 6.07
N ILE A 72 -7.40 -13.92 6.29
CA ILE A 72 -7.85 -15.22 6.81
C ILE A 72 -7.50 -15.15 8.33
N LYS A 73 -8.50 -15.27 9.16
CA LYS A 73 -8.19 -15.35 10.61
C LYS A 73 -8.94 -16.56 11.17
N ASP A 74 -8.24 -17.51 11.77
CA ASP A 74 -8.91 -18.70 12.32
C ASP A 74 -9.72 -19.41 11.26
N ASP A 75 -9.16 -19.57 10.10
CA ASP A 75 -9.66 -20.19 8.90
C ASP A 75 -10.94 -19.47 8.44
N GLU A 76 -11.13 -18.23 8.87
CA GLU A 76 -12.32 -17.50 8.33
C GLU A 76 -11.95 -16.20 7.59
N LEU A 77 -12.77 -15.79 6.64
CA LEU A 77 -12.56 -14.58 5.87
C LEU A 77 -13.04 -13.37 6.71
N ILE A 78 -12.09 -12.45 6.92
CA ILE A 78 -12.39 -11.26 7.67
C ILE A 78 -12.00 -10.03 6.92
N VAL A 79 -12.49 -8.89 7.38
CA VAL A 79 -12.16 -7.55 6.91
C VAL A 79 -11.67 -6.73 8.15
N TRP A 80 -10.50 -6.17 8.05
CA TRP A 80 -9.91 -5.30 9.04
C TRP A 80 -10.70 -4.01 9.03
N ASP A 81 -11.04 -3.41 10.17
CA ASP A 81 -11.78 -2.15 10.19
C ASP A 81 -10.83 -1.11 9.58
N SER A 82 -9.55 -1.27 9.95
CA SER A 82 -8.55 -0.34 9.34
C SER A 82 -7.19 -1.04 9.30
N VAL A 83 -6.33 -0.70 8.34
CA VAL A 83 -4.98 -1.25 8.26
C VAL A 83 -3.90 -0.14 8.44
N ASP A 84 -2.74 -0.50 8.96
CA ASP A 84 -1.66 0.49 9.13
C ASP A 84 -0.60 0.14 8.03
N PRO A 85 0.05 1.17 7.52
CA PRO A 85 1.08 0.97 6.51
C PRO A 85 2.35 0.35 7.08
N CYS A 86 2.96 -0.56 6.34
CA CYS A 86 4.23 -1.15 6.75
C CYS A 86 5.12 -0.64 5.58
N PHE A 87 6.17 0.13 5.80
CA PHE A 87 6.97 0.69 4.67
C PHE A 87 8.43 0.48 4.94
N THR A 88 9.15 0.46 3.82
CA THR A 88 10.59 0.26 3.84
C THR A 88 11.34 1.58 4.09
N VAL A 89 12.46 1.39 4.81
CA VAL A 89 13.39 2.44 5.22
C VAL A 89 14.78 1.95 4.84
N PHE A 90 15.46 2.79 4.04
CA PHE A 90 16.83 2.51 3.58
C PHE A 90 17.77 3.15 4.60
N HIS A 91 18.83 2.43 4.90
CA HIS A 91 19.95 2.81 5.76
C HIS A 91 21.13 3.10 4.85
N GLN A 92 21.43 4.35 4.63
CA GLN A 92 22.56 4.65 3.70
C GLN A 92 23.87 4.06 4.17
N GLU A 93 23.99 3.99 5.47
CA GLU A 93 25.23 3.46 6.08
C GLU A 93 25.54 1.98 5.78
N THR A 94 24.49 1.18 5.83
CA THR A 94 24.73 -0.26 5.62
C THR A 94 24.26 -0.68 4.25
N GLU A 95 23.56 0.24 3.61
CA GLU A 95 22.94 0.06 2.29
C GLU A 95 21.91 -1.08 2.38
N THR A 96 21.23 -1.12 3.52
CA THR A 96 20.26 -2.23 3.70
C THR A 96 18.95 -1.54 4.10
N PHE A 97 17.87 -2.29 4.08
CA PHE A 97 16.57 -1.70 4.45
C PHE A 97 15.99 -2.47 5.64
N SER A 98 14.99 -1.78 6.20
CA SER A 98 14.23 -2.26 7.32
C SER A 98 12.74 -2.02 6.98
N ALA A 99 11.85 -2.67 7.62
CA ALA A 99 10.43 -2.47 7.43
C ALA A 99 9.85 -1.92 8.76
N LEU A 100 9.09 -0.80 8.71
CA LEU A 100 8.51 -0.19 9.90
C LEU A 100 7.03 0.05 9.67
N SER A 101 6.28 0.12 10.70
CA SER A 101 4.85 0.43 10.50
C SER A 101 4.50 1.50 11.51
N CYS A 102 3.46 2.24 11.16
CA CYS A 102 3.01 3.28 12.15
C CYS A 102 1.50 3.36 11.99
N PRO A 103 0.73 3.73 12.97
CA PRO A 103 -0.71 3.78 12.98
C PRO A 103 -1.17 4.80 11.97
N TYR A 104 -2.17 4.38 11.23
CA TYR A 104 -2.83 5.21 10.21
C TYR A 104 -3.74 6.19 10.94
N SER A 105 -3.99 7.37 10.41
CA SER A 105 -4.91 8.31 11.10
C SER A 105 -5.46 9.09 9.91
N SER A 106 -6.70 9.35 9.85
CA SER A 106 -7.38 10.15 8.80
C SER A 106 -6.88 11.62 8.85
N ASP A 107 -6.40 12.09 10.00
CA ASP A 107 -5.81 13.44 10.19
C ASP A 107 -4.33 13.35 9.71
N ILE A 108 -4.04 14.02 8.60
CA ILE A 108 -2.72 14.02 8.03
C ILE A 108 -1.66 14.52 9.01
N ASP A 109 -2.07 15.45 9.86
CA ASP A 109 -1.06 15.96 10.80
C ASP A 109 -0.72 14.95 11.85
N GLN A 110 -1.72 14.24 12.32
CA GLN A 110 -1.47 13.21 13.36
C GLN A 110 -0.68 12.03 12.75
N PHE A 111 -0.92 11.77 11.47
CA PHE A 111 -0.18 10.71 10.78
C PHE A 111 1.32 11.10 10.74
N MET A 112 1.56 12.35 10.45
CA MET A 112 2.96 12.84 10.32
C MET A 112 3.72 12.72 11.61
N VAL A 113 2.98 12.99 12.65
CA VAL A 113 3.48 12.86 14.03
C VAL A 113 3.91 11.43 14.34
N ASN A 114 3.04 10.47 13.99
CA ASN A 114 3.27 9.02 14.17
C ASN A 114 4.55 8.58 13.40
N TYR A 115 4.60 9.00 12.14
CA TYR A 115 5.67 8.69 11.17
C TYR A 115 7.01 9.14 11.73
N LEU A 116 7.12 10.41 12.05
CA LEU A 116 8.37 10.99 12.60
C LEU A 116 8.83 10.31 13.87
N SER A 117 7.76 9.98 14.60
CA SER A 117 8.00 9.33 15.90
C SER A 117 8.65 7.98 15.64
N VAL A 118 8.10 7.19 14.72
CA VAL A 118 8.69 5.85 14.48
C VAL A 118 10.08 5.94 13.91
N MET A 119 10.18 6.84 12.94
CA MET A 119 11.45 7.11 12.24
C MET A 119 12.51 7.57 13.25
N GLU A 120 12.14 8.42 14.20
CA GLU A 120 12.94 8.97 15.31
C GLU A 120 13.59 7.81 16.09
N ARG A 121 12.75 7.07 16.71
CA ARG A 121 13.12 5.88 17.47
C ARG A 121 13.93 4.78 16.78
N TYR A 122 13.71 4.44 15.50
CA TYR A 122 14.43 3.35 14.82
C TYR A 122 15.31 3.67 13.63
N LYS A 123 15.61 4.91 13.38
CA LYS A 123 16.39 5.34 12.22
C LYS A 123 17.70 4.61 12.24
N SER A 124 18.13 4.33 13.45
CA SER A 124 19.44 3.67 13.57
C SER A 124 19.42 2.15 13.56
N ASP A 125 18.26 1.57 13.64
CA ASP A 125 18.03 0.13 13.73
C ASP A 125 18.02 -0.64 12.40
N THR A 126 19.06 -1.45 12.30
CA THR A 126 19.30 -2.27 11.13
C THR A 126 18.61 -3.63 11.14
N LYS A 127 17.87 -4.00 12.17
CA LYS A 127 17.18 -5.28 12.04
C LYS A 127 16.15 -5.14 10.87
N LEU A 128 15.74 -6.21 10.28
CA LEU A 128 14.74 -6.28 9.21
C LEU A 128 13.38 -5.76 9.75
N PHE A 129 12.96 -6.16 10.91
CA PHE A 129 11.74 -5.70 11.59
C PHE A 129 12.10 -5.18 13.04
N PRO A 130 12.54 -3.91 13.14
CA PRO A 130 12.96 -3.35 14.40
C PRO A 130 11.90 -3.43 15.48
N GLN A 131 10.65 -3.38 15.12
CA GLN A 131 9.50 -3.37 15.99
C GLN A 131 9.06 -4.77 16.37
N GLY A 132 9.45 -5.82 15.66
CA GLY A 132 9.02 -7.14 16.10
C GLY A 132 7.67 -7.73 15.80
N PRO A 135 1.33 -6.37 14.80
CA PRO A 135 -0.04 -6.84 14.51
C PRO A 135 -0.14 -7.03 12.97
N GLU A 136 -1.15 -7.83 12.69
CA GLU A 136 -1.48 -8.25 11.37
C GLU A 136 -2.29 -7.35 10.48
N ASN A 137 -2.96 -6.27 10.73
CA ASN A 137 -3.71 -5.49 9.78
C ASN A 137 -2.80 -4.42 9.17
N HIS A 138 -2.11 -4.87 8.13
CA HIS A 138 -1.14 -4.07 7.43
C HIS A 138 -1.34 -4.05 5.92
N LEU A 139 -0.65 -3.03 5.42
CA LEU A 139 -0.51 -2.86 3.96
C LEU A 139 1.01 -2.71 3.74
N PHE A 140 1.58 -3.25 2.66
CA PHE A 140 2.99 -3.17 2.37
C PHE A 140 3.26 -2.16 1.28
N ILE A 141 4.16 -1.24 1.64
CA ILE A 141 4.58 -0.17 0.75
C ILE A 141 6.10 -0.18 0.62
N SER A 142 6.59 -0.16 -0.60
CA SER A 142 8.04 -0.15 -0.80
C SER A 142 8.44 0.97 -1.77
N ALA A 143 9.65 1.43 -1.60
CA ALA A 143 10.11 2.52 -2.50
C ALA A 143 11.49 2.22 -3.07
N LEU A 144 11.56 2.46 -4.38
CA LEU A 144 12.78 2.33 -5.15
C LEU A 144 13.05 3.74 -5.68
N PRO A 145 13.49 4.68 -4.89
CA PRO A 145 13.67 6.03 -5.41
C PRO A 145 14.86 6.24 -6.30
N TRP A 146 15.73 5.27 -6.40
CA TRP A 146 16.95 5.48 -7.19
C TRP A 146 16.81 5.22 -8.66
N VAL A 147 15.67 4.71 -9.08
CA VAL A 147 15.53 4.40 -10.50
C VAL A 147 14.08 4.40 -10.93
N ASN A 148 13.85 4.77 -12.15
CA ASN A 148 12.52 4.77 -12.75
C ASN A 148 12.29 3.35 -13.31
N PHE A 149 11.09 2.84 -13.32
CA PHE A 149 10.79 1.51 -13.85
C PHE A 149 9.41 1.67 -14.52
N ASP A 150 9.16 0.80 -15.49
CA ASP A 150 7.87 0.77 -16.18
C ASP A 150 7.10 -0.45 -15.63
N SER A 151 7.82 -1.34 -15.01
CA SER A 151 7.18 -2.50 -14.46
C SER A 151 7.97 -3.04 -13.28
N PHE A 152 7.24 -3.71 -12.38
CA PHE A 152 7.84 -4.33 -11.24
C PHE A 152 6.98 -5.57 -10.91
N ASN A 153 7.53 -6.72 -10.70
CA ASN A 153 6.70 -7.89 -10.29
C ASN A 153 7.43 -8.70 -9.24
N LEU A 154 6.83 -9.14 -8.18
CA LEU A 154 7.43 -10.02 -7.16
C LEU A 154 7.11 -11.50 -7.52
N ASN A 155 8.06 -12.37 -7.62
CA ASN A 155 7.88 -13.79 -7.94
C ASN A 155 8.01 -14.51 -6.60
N VAL A 156 6.90 -14.85 -6.00
CA VAL A 156 6.89 -15.48 -4.65
C VAL A 156 6.62 -16.97 -4.79
N ALA A 157 7.43 -17.79 -4.17
CA ALA A 157 7.27 -19.22 -4.17
C ALA A 157 5.97 -19.66 -3.52
N ASN A 158 5.39 -19.07 -2.54
CA ASN A 158 4.18 -19.45 -1.84
C ASN A 158 3.43 -18.23 -1.29
N PHE A 159 2.25 -18.04 -1.88
CA PHE A 159 1.47 -16.84 -1.42
C PHE A 159 0.09 -17.30 -0.93
N THR A 160 0.01 -18.56 -0.56
CA THR A 160 -1.32 -19.03 -0.08
C THR A 160 -1.98 -18.11 0.94
N ASP A 161 -3.20 -17.69 0.79
CA ASP A 161 -3.99 -16.83 1.68
C ASP A 161 -3.37 -15.46 2.04
N PHE A 162 -2.45 -15.08 1.13
CA PHE A 162 -1.71 -13.80 1.34
C PHE A 162 -2.53 -12.74 0.62
N PHE A 163 -3.41 -12.06 1.31
CA PHE A 163 -4.33 -11.09 0.69
C PHE A 163 -3.99 -9.62 0.83
N ALA A 164 -2.96 -9.29 1.61
CA ALA A 164 -2.66 -7.85 1.76
C ALA A 164 -1.97 -7.37 0.47
N PRO A 165 -2.35 -6.20 0.01
CA PRO A 165 -1.73 -5.63 -1.16
C PRO A 165 -0.28 -5.24 -0.94
N VAL A 166 0.51 -5.38 -1.98
CA VAL A 166 1.89 -4.97 -1.96
C VAL A 166 1.99 -3.86 -3.02
N ILE A 167 2.51 -2.70 -2.60
CA ILE A 167 2.63 -1.51 -3.49
C ILE A 167 4.08 -1.06 -3.60
N THR A 168 4.56 -0.98 -4.84
CA THR A 168 6.00 -0.55 -4.99
C THR A 168 6.05 0.74 -5.81
N MET A 169 6.75 1.79 -5.40
CA MET A 169 6.79 3.04 -6.20
C MET A 169 8.22 3.21 -6.70
N ALA A 170 8.37 3.79 -7.87
CA ALA A 170 9.72 4.01 -8.46
C ALA A 170 10.04 5.52 -8.39
N LYS A 171 11.18 5.91 -8.96
CA LYS A 171 11.60 7.32 -9.00
C LYS A 171 10.63 8.01 -9.96
N TYR A 172 10.17 9.24 -9.60
CA TYR A 172 9.23 9.84 -10.56
C TYR A 172 10.00 10.55 -11.66
N GLN A 173 9.31 10.91 -12.70
CA GLN A 173 10.05 11.60 -13.80
C GLN A 173 9.05 12.41 -14.61
N GLN A 174 9.65 13.41 -15.21
CA GLN A 174 9.05 14.44 -16.08
C GLN A 174 8.89 13.81 -17.46
N GLU A 175 7.64 13.87 -17.81
CA GLU A 175 7.13 13.32 -19.06
C GLU A 175 6.19 14.40 -19.63
N GLY A 176 6.91 15.15 -20.48
CA GLY A 176 6.33 16.29 -21.19
C GLY A 176 6.13 17.31 -20.06
N ASP A 177 4.85 17.65 -19.94
CA ASP A 177 4.39 18.62 -18.95
C ASP A 177 4.01 17.91 -17.66
N ARG A 178 4.03 16.60 -17.62
CA ARG A 178 3.64 16.00 -16.33
C ARG A 178 4.77 15.33 -15.59
N LEU A 179 4.51 15.26 -14.29
CA LEU A 179 5.50 14.53 -13.46
C LEU A 179 4.77 13.19 -13.20
N LEU A 180 5.36 12.11 -13.69
CA LEU A 180 4.69 10.81 -13.43
C LEU A 180 5.37 9.88 -12.43
N LEU A 181 4.57 9.28 -11.58
CA LEU A 181 5.16 8.26 -10.67
C LEU A 181 4.74 6.83 -11.03
N PRO A 182 5.62 5.93 -11.38
CA PRO A 182 5.31 4.52 -11.62
C PRO A 182 4.96 3.90 -10.24
N LEU A 183 3.86 3.17 -10.22
CA LEU A 183 3.36 2.48 -9.04
C LEU A 183 2.82 1.13 -9.47
N SER A 184 3.43 0.11 -8.81
CA SER A 184 3.09 -1.30 -9.00
C SER A 184 2.21 -1.74 -7.84
N VAL A 185 1.22 -2.53 -8.22
CA VAL A 185 0.25 -3.05 -7.27
C VAL A 185 0.19 -4.57 -7.49
N GLN A 186 0.35 -5.33 -6.44
CA GLN A 186 0.29 -6.81 -6.53
C GLN A 186 -0.74 -7.30 -5.54
N VAL A 187 -1.69 -8.06 -6.03
CA VAL A 187 -2.77 -8.58 -5.14
C VAL A 187 -3.05 -10.06 -5.50
N HIS A 188 -3.86 -10.60 -4.56
CA HIS A 188 -4.28 -12.00 -4.75
C HIS A 188 -5.60 -11.98 -5.49
N HIS A 189 -5.74 -12.75 -6.53
CA HIS A 189 -6.99 -12.84 -7.29
C HIS A 189 -8.22 -13.38 -6.51
N ALA A 190 -8.00 -14.07 -5.40
CA ALA A 190 -9.19 -14.49 -4.63
C ALA A 190 -10.02 -13.33 -4.13
N VAL A 191 -9.42 -12.22 -3.69
CA VAL A 191 -10.12 -11.04 -3.09
C VAL A 191 -10.17 -9.85 -4.00
N CYS A 192 -9.38 -9.79 -5.07
CA CYS A 192 -9.35 -8.68 -5.98
C CYS A 192 -9.34 -9.03 -7.46
N ASP A 193 -10.21 -8.33 -8.13
CA ASP A 193 -10.34 -8.47 -9.62
C ASP A 193 -9.62 -7.21 -10.18
N GLY A 194 -9.53 -7.16 -11.49
CA GLY A 194 -8.89 -6.05 -12.18
C GLY A 194 -9.70 -4.78 -11.92
N PHE A 195 -10.99 -4.87 -11.87
CA PHE A 195 -11.84 -3.76 -11.55
C PHE A 195 -11.41 -3.12 -10.19
N HIS A 196 -11.19 -3.97 -9.19
CA HIS A 196 -10.82 -3.57 -7.85
C HIS A 196 -9.49 -2.82 -7.81
N VAL A 197 -8.57 -3.27 -8.64
CA VAL A 197 -7.28 -2.61 -8.67
C VAL A 197 -7.40 -1.25 -9.39
N ALA A 198 -8.14 -1.23 -10.49
CA ALA A 198 -8.30 0.02 -11.26
C ALA A 198 -9.00 1.06 -10.37
N ARG A 199 -9.98 0.63 -9.62
CA ARG A 199 -10.73 1.49 -8.69
C ARG A 199 -9.80 2.16 -7.66
N PHE A 200 -8.89 1.43 -7.08
CA PHE A 200 -7.88 1.86 -6.10
C PHE A 200 -6.96 2.88 -6.75
N ILE A 201 -6.38 2.59 -7.88
CA ILE A 201 -5.50 3.49 -8.63
C ILE A 201 -6.25 4.77 -8.98
N ASN A 202 -7.47 4.71 -9.50
CA ASN A 202 -8.22 5.93 -9.85
C ASN A 202 -8.49 6.73 -8.60
N ARG A 203 -8.81 6.05 -7.51
CA ARG A 203 -9.06 6.82 -6.26
C ARG A 203 -7.74 7.48 -5.84
N LEU A 204 -6.63 6.76 -5.93
CA LEU A 204 -5.35 7.37 -5.50
C LEU A 204 -5.03 8.65 -6.34
N GLN A 205 -5.25 8.57 -7.65
CA GLN A 205 -5.04 9.67 -8.54
C GLN A 205 -5.90 10.90 -8.15
N GLU A 206 -7.14 10.64 -7.74
CA GLU A 206 -8.01 11.71 -7.34
C GLU A 206 -7.43 12.31 -6.04
N LEU A 207 -6.99 11.49 -5.09
CA LEU A 207 -6.40 11.96 -3.82
C LEU A 207 -5.14 12.81 -4.11
N CYS A 208 -4.35 12.41 -5.08
CA CYS A 208 -3.16 13.20 -5.32
C CYS A 208 -3.46 14.59 -5.85
N ASN A 209 -4.57 14.62 -6.59
CA ASN A 209 -5.10 15.79 -7.27
C ASN A 209 -5.96 16.65 -6.33
N SER A 210 -6.05 16.42 -5.05
CA SER A 210 -6.85 17.11 -4.07
C SER A 210 -6.06 17.81 -2.99
N LYS A 211 -6.70 18.72 -2.21
CA LYS A 211 -6.02 19.39 -1.11
C LYS A 211 -5.54 18.39 -0.07
N LEU A 212 -4.41 18.64 0.54
CA LEU A 212 -3.90 17.74 1.57
C LEU A 212 -4.73 17.87 2.82
N LYS A 213 -5.18 19.08 3.05
CA LYS A 213 -6.01 19.50 4.18
C LYS A 213 -6.67 20.87 3.95
#